data_8IJ0
#
_entry.id   8IJ0
#
_cell.length_a   39.174
_cell.length_b   76.348
_cell.length_c   117.279
_cell.angle_alpha   90.00
_cell.angle_beta   90.00
_cell.angle_gamma   90.00
#
_symmetry.space_group_name_H-M   'P 21 21 21'
#
loop_
_entity.id
_entity.type
_entity.pdbx_description
1 polymer 'YEATS domain-containing protein 4'
2 polymer 'Histone H3.1'
3 non-polymer GLYCEROL
4 non-polymer 'SULFATE ION'
5 non-polymer 'PENTAETHYLENE GLYCOL'
6 water water
#
loop_
_entity_poly.entity_id
_entity_poly.type
_entity_poly.pdbx_seq_one_letter_code
_entity_poly.pdbx_strand_id
1 'polypeptide(L)'
;GSSGSASVTIVKPIVYGNVARYFGKKREEDGHTHQWTVYVKPYRNEDMSAYVKKIQFKLHESYGNPLRVVTKPPYEITET
GWGEFEIIIKIFFIDPNERPVTLYHLLKLFQSDTNAMLGKKTVVSEFYDEMIFQDPTAMMQQLLTTSR
;
A,B
2 'polypeptide(L)' ARTKQTAR(ALY)ST C,D
#
loop_
_chem_comp.id
_chem_comp.type
_chem_comp.name
_chem_comp.formula
1PE non-polymer 'PENTAETHYLENE GLYCOL' 'C10 H22 O6'
GOL non-polymer GLYCEROL 'C3 H8 O3'
SO4 non-polymer 'SULFATE ION' 'O4 S -2'
#
# COMPACT_ATOMS: atom_id res chain seq x y z
N ALA A 6 33.27 8.37 -3.90
CA ALA A 6 32.94 9.00 -5.22
C ALA A 6 33.37 10.47 -5.26
N SER A 7 33.88 10.88 -6.43
CA SER A 7 34.26 12.26 -6.70
C SER A 7 33.06 13.17 -7.02
N VAL A 8 32.05 12.62 -7.67
CA VAL A 8 30.81 13.34 -7.93
C VAL A 8 29.64 12.46 -7.49
N THR A 9 28.81 13.02 -6.62
CA THR A 9 27.56 12.37 -6.18
C THR A 9 26.41 13.31 -6.46
N ILE A 10 25.44 12.83 -7.23
CA ILE A 10 24.27 13.63 -7.56
C ILE A 10 23.03 12.86 -7.12
N VAL A 11 22.20 13.53 -6.31
CA VAL A 11 20.98 12.95 -5.76
C VAL A 11 19.78 13.63 -6.40
N LYS A 12 18.91 12.83 -7.03
CA LYS A 12 17.69 13.33 -7.67
C LYS A 12 16.47 12.82 -6.93
N PRO A 13 15.80 13.69 -6.15
CA PRO A 13 14.59 13.26 -5.45
C PRO A 13 13.40 13.07 -6.40
N ILE A 14 12.62 12.04 -6.12
CA ILE A 14 11.46 11.68 -6.93
C ILE A 14 10.27 11.35 -6.05
N VAL A 15 9.09 11.40 -6.67
CA VAL A 15 7.85 10.95 -6.04
C VAL A 15 7.23 9.99 -7.03
N TYR A 16 6.80 8.84 -6.53
CA TYR A 16 6.11 7.88 -7.39
C TYR A 16 4.90 7.31 -6.66
N GLY A 17 3.95 6.81 -7.43
CA GLY A 17 2.79 6.16 -6.85
C GLY A 17 1.62 6.29 -7.76
N ASN A 18 0.43 6.45 -7.18
CA ASN A 18 -0.77 6.50 -8.01
C ASN A 18 -1.87 7.33 -7.38
N VAL A 19 -2.77 7.79 -8.25
N VAL A 19 -2.78 7.80 -8.24
CA VAL A 19 -4.05 8.35 -7.85
CA VAL A 19 -4.07 8.29 -7.80
C VAL A 19 -5.17 7.43 -8.39
C VAL A 19 -5.13 7.34 -8.31
N ALA A 20 -6.29 7.35 -7.67
CA ALA A 20 -7.43 6.54 -8.11
C ALA A 20 -8.74 7.23 -7.77
N ARG A 21 -9.73 7.04 -8.65
CA ARG A 21 -11.04 7.66 -8.51
C ARG A 21 -12.11 6.62 -8.77
N TYR A 22 -13.10 6.56 -7.89
CA TYR A 22 -14.21 5.61 -7.99
C TYR A 22 -15.30 6.13 -8.93
N PHE A 23 -15.77 5.25 -9.81
CA PHE A 23 -16.93 5.47 -10.72
C PHE A 23 -18.28 5.69 -10.04
N GLY A 24 -18.42 5.27 -8.78
CA GLY A 24 -19.73 5.32 -8.12
C GLY A 24 -20.57 4.07 -8.37
N LYS A 25 -20.08 3.22 -9.28
CA LYS A 25 -20.76 1.98 -9.69
C LYS A 25 -19.78 1.01 -10.35
N LYS A 26 -20.18 -0.26 -10.44
CA LYS A 26 -19.46 -1.27 -11.19
C LYS A 26 -19.95 -1.23 -12.64
N ARG A 27 -19.04 -0.96 -13.57
CA ARG A 27 -19.37 -0.97 -15.01
C ARG A 27 -19.76 -2.37 -15.45
N GLU A 28 -20.88 -2.48 -16.17
CA GLU A 28 -21.43 -3.78 -16.61
C GLU A 28 -20.50 -4.53 -17.56
N GLU A 29 -19.91 -3.80 -18.51
CA GLU A 29 -19.10 -4.36 -19.60
C GLU A 29 -17.89 -5.21 -19.16
N ASP A 30 -17.16 -4.75 -18.14
CA ASP A 30 -15.89 -5.36 -17.72
C ASP A 30 -15.70 -5.46 -16.20
N GLY A 31 -16.67 -4.95 -15.45
CA GLY A 31 -16.62 -4.93 -13.99
C GLY A 31 -15.68 -3.89 -13.40
N HIS A 32 -15.21 -2.95 -14.22
CA HIS A 32 -14.31 -1.89 -13.74
C HIS A 32 -15.05 -0.88 -12.85
N THR A 33 -14.37 -0.46 -11.79
CA THR A 33 -14.95 0.41 -10.77
C THR A 33 -14.17 1.73 -10.59
N HIS A 34 -12.92 1.78 -11.07
CA HIS A 34 -12.02 2.91 -10.80
C HIS A 34 -11.22 3.32 -12.02
N GLN A 35 -10.90 4.61 -12.11
CA GLN A 35 -9.85 5.09 -13.02
C GLN A 35 -8.65 5.34 -12.14
N TRP A 36 -7.47 4.97 -12.64
CA TRP A 36 -6.23 5.21 -11.90
C TRP A 36 -5.12 5.69 -12.79
N THR A 37 -4.16 6.38 -12.19
CA THR A 37 -2.97 6.86 -12.91
C THR A 37 -1.78 6.54 -12.03
N VAL A 38 -0.84 5.76 -12.58
CA VAL A 38 0.43 5.48 -11.90
C VAL A 38 1.50 6.39 -12.51
N TYR A 39 2.45 6.83 -11.71
CA TYR A 39 3.39 7.86 -12.19
C TYR A 39 4.71 7.88 -11.45
N VAL A 40 5.70 8.48 -12.10
CA VAL A 40 6.94 8.92 -11.46
C VAL A 40 7.13 10.37 -11.86
N LYS A 41 7.43 11.22 -10.89
CA LYS A 41 7.74 12.62 -11.18
C LYS A 41 8.93 13.09 -10.35
N PRO A 42 9.64 14.14 -10.82
CA PRO A 42 10.65 14.71 -9.94
C PRO A 42 9.99 15.38 -8.72
N TYR A 43 10.72 15.42 -7.62
CA TYR A 43 10.24 16.09 -6.42
C TYR A 43 10.30 17.61 -6.61
N ARG A 44 11.37 18.05 -7.28
CA ARG A 44 11.58 19.45 -7.68
C ARG A 44 11.09 19.68 -9.12
N ASN A 45 10.98 20.94 -9.54
CA ASN A 45 10.31 21.29 -10.79
C ASN A 45 10.96 20.96 -12.15
N GLU A 46 12.07 20.24 -12.12
CA GLU A 46 12.97 19.99 -13.27
C GLU A 46 12.39 19.19 -14.47
N ASP A 47 13.09 19.26 -15.61
CA ASP A 47 12.81 18.40 -16.77
C ASP A 47 13.61 17.10 -16.61
N MET A 48 12.93 16.09 -16.09
N MET A 48 12.97 16.07 -16.06
CA MET A 48 13.50 14.78 -15.79
CA MET A 48 13.64 14.78 -15.83
C MET A 48 14.01 14.05 -17.06
C MET A 48 14.13 14.12 -17.11
N SER A 49 13.47 14.42 -18.22
CA SER A 49 13.86 13.84 -19.50
C SER A 49 15.28 14.18 -19.91
N ALA A 50 15.89 15.21 -19.29
CA ALA A 50 17.28 15.52 -19.60
C ALA A 50 18.18 14.30 -19.37
N TYR A 51 17.89 13.52 -18.33
CA TYR A 51 18.73 12.37 -17.99
C TYR A 51 18.01 11.01 -17.95
N VAL A 52 16.67 11.04 -17.89
CA VAL A 52 15.88 9.81 -17.99
C VAL A 52 15.52 9.54 -19.46
N LYS A 53 15.89 8.35 -19.94
CA LYS A 53 15.59 7.92 -21.32
C LYS A 53 14.13 7.47 -21.46
N LYS A 54 13.68 6.64 -20.52
CA LYS A 54 12.32 6.12 -20.54
C LYS A 54 12.04 5.52 -19.19
N ILE A 55 10.75 5.39 -18.90
CA ILE A 55 10.30 4.66 -17.69
C ILE A 55 9.32 3.58 -18.13
N GLN A 56 9.55 2.37 -17.65
CA GLN A 56 8.68 1.22 -17.95
C GLN A 56 7.86 0.85 -16.74
N PHE A 57 6.59 0.52 -16.98
CA PHE A 57 5.66 0.11 -15.92
C PHE A 57 5.14 -1.25 -16.29
N LYS A 58 5.32 -2.23 -15.41
CA LYS A 58 4.80 -3.56 -15.66
C LYS A 58 3.54 -3.75 -14.84
N LEU A 59 2.44 -3.96 -15.56
CA LEU A 59 1.10 -4.12 -14.97
C LEU A 59 0.77 -5.59 -14.83
N HIS A 60 -0.29 -5.88 -14.10
CA HIS A 60 -0.79 -7.25 -13.92
C HIS A 60 -1.18 -7.87 -15.27
N GLU A 61 -1.03 -9.19 -15.37
CA GLU A 61 -1.30 -9.94 -16.62
C GLU A 61 -2.75 -9.78 -17.14
N SER A 62 -3.66 -9.34 -16.29
CA SER A 62 -5.06 -9.07 -16.69
C SER A 62 -5.19 -7.88 -17.64
N TYR A 63 -4.12 -7.08 -17.77
CA TYR A 63 -4.08 -5.98 -18.74
C TYR A 63 -3.49 -6.39 -20.07
N GLY A 64 -4.10 -5.86 -21.13
CA GLY A 64 -3.51 -5.90 -22.45
C GLY A 64 -2.20 -5.12 -22.47
N ASN A 65 -1.22 -5.65 -23.20
CA ASN A 65 0.12 -5.07 -23.31
C ASN A 65 0.63 -4.61 -21.95
N PRO A 66 0.80 -5.57 -21.01
CA PRO A 66 1.09 -5.21 -19.62
C PRO A 66 2.43 -4.51 -19.37
N LEU A 67 3.38 -4.64 -20.31
CA LEU A 67 4.65 -3.92 -20.17
C LEU A 67 4.52 -2.60 -20.94
N ARG A 68 4.30 -1.51 -20.20
CA ARG A 68 4.07 -0.20 -20.78
C ARG A 68 5.35 0.63 -20.73
N VAL A 69 5.59 1.41 -21.76
CA VAL A 69 6.80 2.25 -21.83
C VAL A 69 6.39 3.69 -22.01
N VAL A 70 6.95 4.59 -21.20
CA VAL A 70 6.70 6.01 -21.40
C VAL A 70 8.04 6.70 -21.63
N THR A 71 8.16 7.43 -22.75
CA THR A 71 9.46 7.94 -23.18
C THR A 71 9.64 9.41 -22.94
N LYS A 72 8.56 10.12 -22.62
CA LYS A 72 8.66 11.55 -22.33
C LYS A 72 7.71 11.94 -21.20
N PRO A 73 8.02 13.02 -20.47
CA PRO A 73 7.13 13.46 -19.41
C PRO A 73 5.73 13.87 -19.98
N PRO A 74 4.66 13.68 -19.21
CA PRO A 74 4.68 13.09 -17.87
C PRO A 74 4.84 11.56 -17.93
N TYR A 75 5.61 11.01 -16.98
CA TYR A 75 5.82 9.56 -16.94
C TYR A 75 4.69 8.93 -16.16
N GLU A 76 3.61 8.66 -16.87
CA GLU A 76 2.38 8.18 -16.24
C GLU A 76 1.59 7.28 -17.18
N ILE A 77 0.79 6.40 -16.57
CA ILE A 77 -0.12 5.52 -17.30
C ILE A 77 -1.48 5.64 -16.62
N THR A 78 -2.52 5.94 -17.41
CA THR A 78 -3.90 5.97 -16.90
C THR A 78 -4.67 4.77 -17.45
N GLU A 79 -5.34 4.08 -16.54
CA GLU A 79 -6.12 2.90 -16.84
C GLU A 79 -7.40 2.87 -16.03
N THR A 80 -8.28 1.92 -16.33
CA THR A 80 -9.38 1.62 -15.44
C THR A 80 -9.22 0.19 -14.95
N GLY A 81 -9.87 -0.13 -13.85
CA GLY A 81 -9.81 -1.48 -13.32
C GLY A 81 -10.70 -1.70 -12.13
N TRP A 82 -10.58 -2.91 -11.57
CA TRP A 82 -11.34 -3.30 -10.40
C TRP A 82 -10.48 -3.71 -9.20
N GLY A 83 -9.21 -4.02 -9.41
CA GLY A 83 -8.39 -4.59 -8.35
C GLY A 83 -7.05 -3.95 -8.12
N GLU A 84 -6.55 -4.10 -6.90
CA GLU A 84 -5.21 -3.62 -6.54
C GLU A 84 -4.18 -4.69 -6.88
N PHE A 85 -2.97 -4.25 -7.24
CA PHE A 85 -1.86 -5.17 -7.54
C PHE A 85 -0.57 -4.39 -7.54
N GLU A 86 0.55 -5.10 -7.45
CA GLU A 86 1.86 -4.46 -7.49
C GLU A 86 2.29 -4.17 -8.92
N ILE A 87 2.77 -2.94 -9.12
CA ILE A 87 3.38 -2.49 -10.37
C ILE A 87 4.89 -2.37 -10.15
N ILE A 88 5.64 -2.89 -11.11
CA ILE A 88 7.10 -2.73 -11.12
C ILE A 88 7.41 -1.56 -12.08
N ILE A 89 8.24 -0.64 -11.60
CA ILE A 89 8.59 0.55 -12.36
C ILE A 89 10.10 0.51 -12.56
N LYS A 90 10.54 0.72 -13.79
CA LYS A 90 11.97 0.71 -14.06
C LYS A 90 12.36 1.98 -14.81
N ILE A 91 13.35 2.68 -14.27
CA ILE A 91 13.78 3.98 -14.80
C ILE A 91 15.13 3.80 -15.48
N PHE A 92 15.18 4.12 -16.77
CA PHE A 92 16.38 3.96 -17.60
C PHE A 92 16.99 5.33 -17.88
N PHE A 93 18.31 5.37 -17.93
CA PHE A 93 19.02 6.62 -18.11
C PHE A 93 19.66 6.76 -19.49
N ILE A 94 20.05 7.98 -19.82
CA ILE A 94 20.60 8.24 -21.15
C ILE A 94 21.97 7.58 -21.39
N ASP A 95 22.67 7.25 -20.30
CA ASP A 95 23.84 6.37 -20.37
C ASP A 95 23.35 4.94 -20.10
N PRO A 96 23.42 4.05 -21.11
CA PRO A 96 22.90 2.66 -20.94
C PRO A 96 23.63 1.88 -19.85
N ASN A 97 24.86 2.30 -19.55
CA ASN A 97 25.66 1.66 -18.51
C ASN A 97 25.42 2.16 -17.09
N GLU A 98 24.60 3.21 -16.97
CA GLU A 98 24.14 3.69 -15.66
C GLU A 98 23.01 2.76 -15.22
N ARG A 99 23.23 2.00 -14.13
CA ARG A 99 22.27 0.96 -13.74
C ARG A 99 20.86 1.55 -13.57
N PRO A 100 19.85 0.96 -14.24
CA PRO A 100 18.49 1.47 -14.02
C PRO A 100 18.02 1.31 -12.59
N VAL A 101 17.06 2.15 -12.21
CA VAL A 101 16.43 2.17 -10.89
C VAL A 101 15.13 1.39 -11.00
N THR A 102 14.86 0.55 -10.01
CA THR A 102 13.59 -0.19 -9.93
C THR A 102 12.83 0.24 -8.71
N LEU A 103 11.54 0.51 -8.90
CA LEU A 103 10.61 0.88 -7.84
C LEU A 103 9.46 -0.11 -7.80
N TYR A 104 8.88 -0.24 -6.62
CA TYR A 104 7.80 -1.22 -6.36
C TYR A 104 6.64 -0.46 -5.76
N HIS A 105 5.49 -0.53 -6.44
CA HIS A 105 4.35 0.22 -5.99
C HIS A 105 3.07 -0.59 -5.98
N LEU A 106 2.39 -0.62 -4.83
CA LEU A 106 1.07 -1.26 -4.78
C LEU A 106 0.04 -0.25 -5.29
N LEU A 107 -0.58 -0.58 -6.40
CA LEU A 107 -1.63 0.28 -6.94
C LEU A 107 -2.80 0.32 -5.96
N LYS A 108 -3.11 1.52 -5.45
CA LYS A 108 -4.14 1.68 -4.43
C LYS A 108 -5.43 2.24 -5.03
N LEU A 109 -6.54 1.54 -4.82
CA LEU A 109 -7.84 1.99 -5.31
C LEU A 109 -8.79 2.44 -4.22
N PHE A 110 -8.72 1.76 -3.08
CA PHE A 110 -9.78 1.88 -2.08
C PHE A 110 -9.34 2.83 -0.98
N GLN A 111 -10.23 3.77 -0.62
N GLN A 111 -10.27 3.70 -0.59
CA GLN A 111 -9.92 4.83 0.35
CA GLN A 111 -10.02 4.76 0.37
C GLN A 111 -10.12 4.34 1.78
C GLN A 111 -10.12 4.29 1.80
N SER A 112 -9.23 4.80 2.67
CA SER A 112 -9.40 4.59 4.12
C SER A 112 -10.66 5.29 4.62
N ASP A 113 -11.25 4.73 5.68
CA ASP A 113 -12.33 5.42 6.38
C ASP A 113 -11.83 6.74 6.97
N THR A 114 -10.58 6.74 7.44
CA THR A 114 -9.96 7.94 7.99
C THR A 114 -10.01 9.07 6.98
N ASN A 115 -9.60 8.81 5.74
CA ASN A 115 -9.60 9.86 4.73
C ASN A 115 -10.98 10.16 4.18
N ALA A 116 -11.83 9.14 4.08
CA ALA A 116 -13.24 9.32 3.65
C ALA A 116 -14.00 10.29 4.57
N MET A 117 -13.77 10.15 5.87
CA MET A 117 -14.41 11.01 6.85
C MET A 117 -13.87 12.44 6.84
N LEU A 118 -12.70 12.62 6.23
CA LEU A 118 -12.14 13.95 5.99
C LEU A 118 -12.53 14.55 4.63
N GLY A 119 -13.46 13.89 3.94
CA GLY A 119 -14.00 14.38 2.68
C GLY A 119 -13.11 14.23 1.45
N LYS A 120 -12.07 13.40 1.54
CA LYS A 120 -11.23 13.14 0.35
C LYS A 120 -11.99 12.31 -0.70
N LYS A 121 -11.96 12.74 -1.95
CA LYS A 121 -12.71 12.08 -3.04
C LYS A 121 -11.81 11.42 -4.06
N THR A 122 -10.51 11.48 -3.83
N THR A 122 -10.54 11.31 -3.72
CA THR A 122 -9.56 10.68 -4.59
CA THR A 122 -9.52 10.79 -4.60
C THR A 122 -8.70 9.93 -3.60
C THR A 122 -8.50 10.07 -3.72
N VAL A 123 -8.13 8.84 -4.08
CA VAL A 123 -7.11 8.10 -3.35
C VAL A 123 -5.77 8.50 -3.94
N VAL A 124 -4.85 8.94 -3.09
CA VAL A 124 -3.47 9.18 -3.50
C VAL A 124 -2.56 8.33 -2.63
N SER A 125 -1.73 7.51 -3.28
CA SER A 125 -0.74 6.72 -2.56
C SER A 125 0.59 7.02 -3.21
N GLU A 126 1.39 7.84 -2.55
CA GLU A 126 2.67 8.21 -3.16
C GLU A 126 3.82 8.24 -2.18
N PHE A 127 5.02 8.01 -2.73
CA PHE A 127 6.22 7.76 -1.95
C PHE A 127 7.36 8.61 -2.44
N TYR A 128 8.11 9.15 -1.48
CA TYR A 128 9.35 9.88 -1.77
C TYR A 128 10.54 8.93 -1.85
N ASP A 129 11.40 9.11 -2.84
CA ASP A 129 12.65 8.36 -2.92
C ASP A 129 13.70 9.25 -3.55
N GLU A 130 14.94 8.76 -3.58
CA GLU A 130 16.03 9.49 -4.21
C GLU A 130 16.79 8.55 -5.11
N MET A 131 17.12 9.03 -6.30
CA MET A 131 18.02 8.34 -7.22
C MET A 131 19.40 8.90 -7.03
N ILE A 132 20.37 8.02 -6.78
CA ILE A 132 21.71 8.41 -6.39
C ILE A 132 22.68 8.01 -7.49
N PHE A 133 23.37 9.00 -8.05
CA PHE A 133 24.34 8.79 -9.12
C PHE A 133 25.74 9.03 -8.57
N GLN A 134 26.60 8.03 -8.71
CA GLN A 134 27.98 8.17 -8.21
C GLN A 134 28.93 8.07 -9.40
N ASP A 135 29.73 9.12 -9.58
CA ASP A 135 30.68 9.22 -10.71
C ASP A 135 30.06 8.84 -12.05
N PRO A 136 28.92 9.48 -12.39
CA PRO A 136 28.38 9.23 -13.71
C PRO A 136 29.29 9.77 -14.81
N THR A 137 29.04 9.34 -16.04
CA THR A 137 29.81 9.80 -17.20
C THR A 137 29.72 11.32 -17.33
N ALA A 138 30.70 11.90 -18.03
CA ALA A 138 30.70 13.35 -18.30
C ALA A 138 29.34 13.83 -18.88
N MET A 139 28.82 13.08 -19.86
CA MET A 139 27.54 13.39 -20.48
C MET A 139 26.40 13.37 -19.46
N MET A 140 26.35 12.33 -18.61
CA MET A 140 25.35 12.24 -17.56
C MET A 140 25.46 13.39 -16.55
N GLN A 141 26.70 13.70 -16.14
N GLN A 141 26.69 13.71 -16.14
CA GLN A 141 26.91 14.79 -15.18
CA GLN A 141 26.92 14.79 -15.17
C GLN A 141 26.32 16.09 -15.70
C GLN A 141 26.44 16.15 -15.67
N GLN A 142 26.58 16.38 -16.97
CA GLN A 142 26.09 17.60 -17.62
C GLN A 142 24.57 17.63 -17.63
N LEU A 143 23.96 16.51 -17.98
CA LEU A 143 22.51 16.44 -18.11
C LEU A 143 21.80 16.41 -16.76
N LEU A 144 22.45 15.81 -15.75
CA LEU A 144 21.93 15.81 -14.38
C LEU A 144 21.97 17.19 -13.75
N THR A 145 22.85 18.06 -14.25
CA THR A 145 23.05 19.38 -13.63
C THR A 145 22.52 20.57 -14.45
N THR A 146 21.93 20.32 -15.63
CA THR A 146 21.42 21.39 -16.51
C THR A 146 20.28 22.21 -15.86
N ALA B 6 -27.05 -17.96 -2.66
CA ALA B 6 -27.08 -18.48 -1.26
C ALA B 6 -28.46 -18.32 -0.62
N SER B 7 -28.85 -19.28 0.22
CA SER B 7 -30.05 -19.11 1.05
C SER B 7 -29.75 -18.17 2.21
N VAL B 8 -28.59 -18.33 2.85
CA VAL B 8 -28.23 -17.50 4.01
C VAL B 8 -27.00 -16.66 3.68
N THR B 9 -27.13 -15.35 3.81
CA THR B 9 -26.00 -14.41 3.65
C THR B 9 -25.90 -13.59 4.93
N ILE B 10 -24.75 -13.73 5.60
CA ILE B 10 -24.46 -13.00 6.83
C ILE B 10 -23.27 -12.08 6.57
N VAL B 11 -23.45 -10.81 6.94
CA VAL B 11 -22.42 -9.77 6.72
C VAL B 11 -21.92 -9.31 8.07
N LYS B 12 -20.59 -9.37 8.25
CA LYS B 12 -19.93 -8.92 9.47
C LYS B 12 -19.04 -7.72 9.14
N PRO B 13 -19.50 -6.49 9.44
CA PRO B 13 -18.66 -5.31 9.21
C PRO B 13 -17.46 -5.27 10.15
N ILE B 14 -16.33 -4.84 9.60
CA ILE B 14 -15.08 -4.76 10.36
C ILE B 14 -14.37 -3.46 10.09
N VAL B 15 -13.52 -3.08 11.03
CA VAL B 15 -12.53 -2.04 10.76
C VAL B 15 -11.15 -2.63 11.01
N TYR B 16 -10.17 -2.16 10.26
CA TYR B 16 -8.81 -2.64 10.43
C TYR B 16 -7.85 -1.57 10.00
N GLY B 17 -6.61 -1.71 10.45
CA GLY B 17 -5.58 -0.77 10.04
C GLY B 17 -4.56 -0.61 11.14
N ASN B 18 -4.09 0.60 11.36
CA ASN B 18 -3.05 0.81 12.36
C ASN B 18 -3.08 2.18 12.97
N VAL B 19 -2.49 2.26 14.15
CA VAL B 19 -2.13 3.52 14.75
C VAL B 19 -0.62 3.53 14.97
N ALA B 20 -0.02 4.72 15.06
CA ALA B 20 1.43 4.83 15.28
C ALA B 20 1.78 6.09 16.05
N ARG B 21 2.87 6.04 16.80
CA ARG B 21 3.34 7.21 17.54
C ARG B 21 4.84 7.32 17.45
N TYR B 22 5.32 8.52 17.11
CA TYR B 22 6.75 8.78 17.02
C TYR B 22 7.36 8.81 18.41
N PHE B 23 8.55 8.22 18.57
CA PHE B 23 9.27 8.17 19.85
C PHE B 23 9.66 9.55 20.37
N GLY B 24 9.88 10.51 19.46
CA GLY B 24 10.41 11.83 19.81
C GLY B 24 11.85 12.00 19.31
N LYS B 25 12.56 10.88 19.18
CA LYS B 25 13.93 10.84 18.65
C LYS B 25 14.20 9.43 18.18
N LYS B 26 15.04 9.29 17.15
CA LYS B 26 15.47 7.99 16.66
C LYS B 26 16.23 7.28 17.78
N ARG B 27 15.85 6.02 18.04
CA ARG B 27 16.56 5.19 18.99
C ARG B 27 17.88 4.72 18.36
N GLU B 28 18.99 5.04 19.03
CA GLU B 28 20.34 4.75 18.50
C GLU B 28 20.60 3.25 18.21
N GLU B 29 20.15 2.39 19.13
CA GLU B 29 20.47 0.95 19.11
C GLU B 29 19.98 0.18 17.87
N ASP B 30 18.80 0.53 17.36
CA ASP B 30 18.19 -0.21 16.24
C ASP B 30 17.64 0.68 15.12
N GLY B 31 17.76 2.00 15.31
CA GLY B 31 17.25 2.97 14.36
C GLY B 31 15.73 3.09 14.33
N HIS B 32 15.04 2.45 15.28
CA HIS B 32 13.58 2.54 15.32
C HIS B 32 13.14 3.95 15.74
N THR B 33 12.04 4.40 15.18
CA THR B 33 11.53 5.74 15.44
C THR B 33 10.09 5.78 15.92
N HIS B 34 9.34 4.70 15.71
CA HIS B 34 7.89 4.68 16.00
C HIS B 34 7.46 3.41 16.70
N GLN B 35 6.45 3.54 17.56
CA GLN B 35 5.68 2.38 18.03
C GLN B 35 4.39 2.32 17.21
N TRP B 36 3.97 1.11 16.84
CA TRP B 36 2.74 0.99 16.07
C TRP B 36 1.94 -0.22 16.49
N THR B 37 0.63 -0.17 16.23
CA THR B 37 -0.29 -1.26 16.53
C THR B 37 -1.15 -1.47 15.30
N VAL B 38 -1.15 -2.70 14.77
CA VAL B 38 -2.02 -3.10 13.65
C VAL B 38 -3.14 -3.94 14.25
N TYR B 39 -4.36 -3.80 13.73
CA TYR B 39 -5.52 -4.38 14.39
C TYR B 39 -6.64 -4.72 13.43
N VAL B 40 -7.51 -5.63 13.87
CA VAL B 40 -8.81 -5.91 13.25
C VAL B 40 -9.83 -5.93 14.37
N LYS B 41 -10.96 -5.23 14.18
N LYS B 41 -10.95 -5.22 14.19
CA LYS B 41 -12.02 -5.14 15.18
CA LYS B 41 -12.02 -5.13 15.19
C LYS B 41 -13.36 -5.22 14.48
C LYS B 41 -13.36 -5.26 14.47
N PRO B 42 -14.41 -5.74 15.17
CA PRO B 42 -15.75 -5.63 14.57
C PRO B 42 -16.17 -4.15 14.55
N TYR B 43 -16.95 -3.77 13.56
CA TYR B 43 -17.41 -2.39 13.47
C TYR B 43 -18.35 -2.05 14.62
N ARG B 44 -19.27 -2.97 14.92
CA ARG B 44 -20.17 -2.87 16.07
C ARG B 44 -19.62 -3.66 17.26
N ASN B 45 -20.06 -3.32 18.47
CA ASN B 45 -19.63 -4.04 19.68
C ASN B 45 -20.20 -5.46 19.73
N GLU B 46 -19.43 -6.40 19.18
CA GLU B 46 -19.74 -7.83 19.23
C GLU B 46 -18.48 -8.60 19.62
N ASP B 47 -18.66 -9.86 20.03
CA ASP B 47 -17.55 -10.73 20.35
C ASP B 47 -17.13 -11.48 19.09
N MET B 48 -16.14 -10.92 18.39
N MET B 48 -16.14 -10.94 18.38
CA MET B 48 -15.58 -11.50 17.18
CA MET B 48 -15.62 -11.58 17.16
C MET B 48 -15.01 -12.92 17.41
C MET B 48 -15.02 -12.96 17.41
N SER B 49 -14.56 -13.19 18.65
CA SER B 49 -14.02 -14.51 19.02
C SER B 49 -15.03 -15.65 18.97
N ALA B 50 -16.32 -15.31 18.88
CA ALA B 50 -17.37 -16.32 18.73
C ALA B 50 -17.19 -17.11 17.43
N TYR B 51 -16.69 -16.46 16.39
CA TYR B 51 -16.58 -17.09 15.06
C TYR B 51 -15.20 -17.06 14.44
N VAL B 52 -14.30 -16.23 14.97
CA VAL B 52 -12.90 -16.15 14.50
C VAL B 52 -12.03 -17.08 15.35
N LYS B 53 -11.25 -17.93 14.69
CA LYS B 53 -10.31 -18.83 15.36
C LYS B 53 -9.02 -18.10 15.74
N LYS B 54 -8.46 -17.38 14.77
CA LYS B 54 -7.18 -16.68 14.94
C LYS B 54 -6.97 -15.73 13.78
N ILE B 55 -6.11 -14.75 13.99
CA ILE B 55 -5.77 -13.80 12.92
C ILE B 55 -4.26 -13.75 12.81
N GLN B 56 -3.76 -13.97 11.60
CA GLN B 56 -2.34 -13.76 11.31
C GLN B 56 -2.07 -12.34 10.83
N PHE B 57 -0.92 -11.82 11.23
CA PHE B 57 -0.43 -10.52 10.74
C PHE B 57 0.95 -10.81 10.18
N LYS B 58 1.05 -10.79 8.86
CA LYS B 58 2.29 -11.17 8.16
C LYS B 58 3.06 -9.88 7.85
N LEU B 59 4.24 -9.77 8.45
CA LEU B 59 5.05 -8.56 8.38
C LEU B 59 6.15 -8.68 7.32
N HIS B 60 6.74 -7.53 6.99
CA HIS B 60 7.92 -7.45 6.14
C HIS B 60 9.07 -8.27 6.73
N GLU B 61 9.93 -8.81 5.86
CA GLU B 61 10.99 -9.73 6.27
C GLU B 61 12.10 -9.09 7.10
N SER B 62 12.05 -7.78 7.26
CA SER B 62 12.94 -7.07 8.20
C SER B 62 12.54 -7.33 9.67
N TYR B 63 11.37 -7.96 9.89
CA TYR B 63 10.94 -8.38 11.24
C TYR B 63 11.29 -9.81 11.50
N GLY B 64 11.77 -10.08 12.71
CA GLY B 64 11.92 -11.48 13.17
C GLY B 64 10.55 -12.11 13.35
N ASN B 65 10.45 -13.42 13.07
CA ASN B 65 9.20 -14.16 13.19
C ASN B 65 8.05 -13.39 12.51
N PRO B 66 8.22 -13.08 11.22
CA PRO B 66 7.29 -12.14 10.59
C PRO B 66 5.83 -12.63 10.44
N LEU B 67 5.59 -13.93 10.52
CA LEU B 67 4.23 -14.47 10.37
C LEU B 67 3.65 -14.60 11.79
N ARG B 68 3.18 -13.46 12.31
CA ARG B 68 2.64 -13.37 13.66
C ARG B 68 1.21 -13.89 13.70
N VAL B 69 0.80 -14.42 14.84
CA VAL B 69 -0.59 -14.89 15.00
C VAL B 69 -1.16 -14.49 16.36
N VAL B 70 -2.45 -14.18 16.36
CA VAL B 70 -3.16 -13.83 17.59
C VAL B 70 -4.40 -14.70 17.69
N THR B 71 -4.54 -15.44 18.80
CA THR B 71 -5.65 -16.43 18.95
C THR B 71 -6.76 -16.00 19.90
N LYS B 72 -6.53 -14.91 20.63
CA LYS B 72 -7.47 -14.38 21.63
C LYS B 72 -7.61 -12.88 21.39
N PRO B 73 -8.84 -12.35 21.49
CA PRO B 73 -9.04 -10.90 21.30
C PRO B 73 -8.36 -10.10 22.41
N PRO B 74 -7.98 -8.84 22.16
CA PRO B 74 -8.18 -8.17 20.86
C PRO B 74 -7.18 -8.62 19.81
N TYR B 75 -7.62 -8.56 18.55
CA TYR B 75 -6.80 -9.08 17.46
C TYR B 75 -5.90 -7.98 16.96
N GLU B 76 -4.69 -7.93 17.51
CA GLU B 76 -3.76 -6.87 17.20
C GLU B 76 -2.38 -7.27 17.64
N ILE B 77 -1.39 -6.61 17.05
CA ILE B 77 -0.02 -6.70 17.55
C ILE B 77 0.61 -5.33 17.61
N THR B 78 1.53 -5.17 18.56
CA THR B 78 2.27 -3.92 18.71
C THR B 78 3.74 -4.19 18.48
N GLU B 79 4.35 -3.30 17.69
CA GLU B 79 5.76 -3.39 17.37
C GLU B 79 6.37 -2.01 17.38
N THR B 80 7.70 -1.96 17.21
CA THR B 80 8.38 -0.71 16.91
C THR B 80 9.08 -0.88 15.59
N GLY B 81 9.43 0.24 14.97
CA GLY B 81 10.15 0.17 13.70
C GLY B 81 10.49 1.53 13.15
N TRP B 82 11.02 1.51 11.93
CA TRP B 82 11.46 2.73 11.23
C TRP B 82 10.73 2.95 9.90
N GLY B 83 10.03 1.94 9.39
CA GLY B 83 9.52 2.04 8.03
C GLY B 83 8.08 1.62 7.82
N GLU B 84 7.50 2.15 6.74
CA GLU B 84 6.16 1.76 6.29
C GLU B 84 6.28 0.63 5.28
N PHE B 85 5.38 -0.35 5.39
CA PHE B 85 5.36 -1.55 4.54
C PHE B 85 3.97 -2.18 4.62
N GLU B 86 3.70 -3.10 3.69
CA GLU B 86 2.42 -3.81 3.66
C GLU B 86 2.37 -4.97 4.64
N ILE B 87 1.28 -5.02 5.40
CA ILE B 87 0.98 -6.15 6.29
C ILE B 87 -0.16 -6.96 5.66
N ILE B 88 -0.02 -8.28 5.63
CA ILE B 88 -1.11 -9.16 5.17
C ILE B 88 -1.81 -9.66 6.42
N ILE B 89 -3.14 -9.46 6.46
CA ILE B 89 -3.92 -9.86 7.63
C ILE B 89 -4.79 -11.02 7.20
N LYS B 90 -4.67 -12.17 7.85
CA LYS B 90 -5.42 -13.36 7.44
C LYS B 90 -6.30 -13.85 8.58
N ILE B 91 -7.61 -13.87 8.32
CA ILE B 91 -8.63 -14.19 9.35
C ILE B 91 -9.17 -15.60 9.14
N PHE B 92 -8.92 -16.46 10.12
CA PHE B 92 -9.37 -17.86 10.09
C PHE B 92 -10.59 -18.02 10.99
N PHE B 93 -11.49 -18.89 10.58
CA PHE B 93 -12.77 -19.06 11.26
C PHE B 93 -12.84 -20.39 12.01
N ILE B 94 -13.74 -20.44 12.99
CA ILE B 94 -13.87 -21.63 13.89
C ILE B 94 -14.20 -22.89 13.09
N ASP B 95 -14.99 -22.74 12.04
CA ASP B 95 -15.13 -23.79 11.04
C ASP B 95 -13.94 -23.72 10.09
N PRO B 96 -13.05 -24.75 10.12
CA PRO B 96 -11.86 -24.73 9.27
C PRO B 96 -12.16 -24.72 7.77
N ASN B 97 -13.38 -25.13 7.41
CA ASN B 97 -13.81 -25.21 6.02
C ASN B 97 -14.38 -23.91 5.44
N GLU B 98 -14.62 -22.93 6.32
CA GLU B 98 -15.01 -21.59 5.88
C GLU B 98 -13.75 -20.86 5.41
N ARG B 99 -13.73 -20.44 4.15
CA ARG B 99 -12.53 -19.88 3.53
C ARG B 99 -12.06 -18.65 4.32
N PRO B 100 -10.78 -18.64 4.71
CA PRO B 100 -10.25 -17.47 5.43
C PRO B 100 -10.31 -16.18 4.58
N VAL B 101 -10.41 -15.06 5.27
CA VAL B 101 -10.44 -13.74 4.63
C VAL B 101 -9.03 -13.15 4.70
N THR B 102 -8.56 -12.61 3.57
CA THR B 102 -7.25 -11.95 3.54
C THR B 102 -7.44 -10.47 3.28
N LEU B 103 -6.83 -9.67 4.14
CA LEU B 103 -6.83 -8.21 4.02
C LEU B 103 -5.40 -7.75 3.85
N TYR B 104 -5.25 -6.56 3.29
CA TYR B 104 -3.91 -5.98 3.04
C TYR B 104 -3.91 -4.56 3.54
N HIS B 105 -2.88 -4.22 4.31
CA HIS B 105 -2.83 -2.89 4.90
C HIS B 105 -1.45 -2.29 4.84
N LEU B 106 -1.34 -1.08 4.29
N LEU B 106 -1.36 -1.07 4.30
CA LEU B 106 -0.06 -0.38 4.31
CA LEU B 106 -0.13 -0.31 4.34
C LEU B 106 0.09 0.34 5.65
C LEU B 106 0.03 0.31 5.72
N LEU B 107 1.06 -0.13 6.45
CA LEU B 107 1.35 0.46 7.76
C LEU B 107 1.71 1.93 7.61
N LYS B 108 0.96 2.79 8.29
CA LYS B 108 1.20 4.24 8.24
C LYS B 108 1.90 4.71 9.52
N LEU B 109 3.09 5.29 9.35
CA LEU B 109 3.87 5.84 10.49
C LEU B 109 3.92 7.36 10.49
N PHE B 110 4.03 7.93 9.29
CA PHE B 110 4.41 9.33 9.16
C PHE B 110 3.18 10.18 8.93
N GLN B 111 3.18 11.32 9.62
CA GLN B 111 2.03 12.20 9.69
C GLN B 111 1.98 13.12 8.49
N SER B 112 0.96 12.90 7.69
CA SER B 112 0.73 13.69 6.49
C SER B 112 0.01 14.98 6.85
N ASP B 113 -0.12 15.86 5.87
CA ASP B 113 -0.85 17.12 6.07
C ASP B 113 -2.32 16.86 6.42
N THR B 114 -2.90 15.86 5.75
CA THR B 114 -4.28 15.44 6.00
C THR B 114 -4.46 14.84 7.40
N ASN B 115 -3.60 13.89 7.76
CA ASN B 115 -3.76 13.20 9.04
C ASN B 115 -3.59 14.14 10.22
N ALA B 116 -2.77 15.18 10.04
CA ALA B 116 -2.49 16.15 11.08
C ALA B 116 -3.76 16.92 11.49
N MET B 117 -4.81 16.87 10.67
CA MET B 117 -6.05 17.60 10.96
C MET B 117 -6.94 16.91 11.99
N LEU B 118 -6.54 15.71 12.42
CA LEU B 118 -7.21 15.03 13.51
C LEU B 118 -6.82 15.62 14.86
N GLY B 119 -5.74 16.42 14.87
CA GLY B 119 -5.20 17.00 16.10
C GLY B 119 -4.58 15.97 17.04
N LYS B 120 -4.26 14.80 16.51
CA LYS B 120 -3.68 13.72 17.30
C LYS B 120 -2.17 13.66 17.10
N LYS B 121 -1.43 13.42 18.19
CA LYS B 121 -0.02 13.01 18.09
C LYS B 121 0.10 11.63 17.45
N THR B 122 -0.91 10.79 17.65
CA THR B 122 -0.94 9.48 17.04
C THR B 122 -1.43 9.56 15.58
N VAL B 123 -0.71 8.89 14.68
CA VAL B 123 -1.09 8.72 13.29
C VAL B 123 -2.10 7.57 13.20
N VAL B 124 -3.16 7.75 12.40
CA VAL B 124 -4.26 6.79 12.27
CA VAL B 124 -4.16 6.70 12.25
C VAL B 124 -4.50 6.45 10.78
N SER B 125 -4.62 5.16 10.46
CA SER B 125 -5.08 4.76 9.13
C SER B 125 -6.01 3.58 9.31
N GLU B 126 -7.31 3.82 9.19
CA GLU B 126 -8.30 2.80 9.41
C GLU B 126 -9.20 2.61 8.20
N PHE B 127 -9.41 1.35 7.85
CA PHE B 127 -10.26 0.95 6.73
C PHE B 127 -11.50 0.23 7.24
N TYR B 128 -12.57 0.34 6.46
CA TYR B 128 -13.80 -0.38 6.70
C TYR B 128 -13.96 -1.47 5.65
N ASP B 129 -14.44 -2.64 6.08
CA ASP B 129 -14.79 -3.69 5.12
C ASP B 129 -15.91 -4.54 5.72
N GLU B 130 -16.39 -5.49 4.93
CA GLU B 130 -17.45 -6.39 5.37
C GLU B 130 -17.07 -7.80 4.99
N MET B 131 -17.11 -8.69 5.96
CA MET B 131 -16.88 -10.12 5.68
C MET B 131 -18.23 -10.75 5.37
N ILE B 132 -18.31 -11.41 4.22
CA ILE B 132 -19.57 -11.99 3.72
C ILE B 132 -19.50 -13.50 3.84
N PHE B 133 -20.47 -14.07 4.56
CA PHE B 133 -20.59 -15.51 4.76
C PHE B 133 -21.81 -16.00 3.99
N GLN B 134 -21.60 -16.94 3.07
CA GLN B 134 -22.69 -17.49 2.27
C GLN B 134 -22.89 -18.95 2.61
N ASP B 135 -24.13 -19.27 2.98
CA ASP B 135 -24.52 -20.62 3.40
C ASP B 135 -23.48 -21.26 4.33
N PRO B 136 -23.18 -20.62 5.47
CA PRO B 136 -22.21 -21.26 6.36
C PRO B 136 -22.78 -22.55 6.96
N THR B 137 -21.94 -23.34 7.63
CA THR B 137 -22.38 -24.54 8.33
C THR B 137 -23.33 -24.16 9.47
N ALA B 138 -24.12 -25.12 9.94
CA ALA B 138 -25.03 -24.91 11.07
C ALA B 138 -24.28 -24.42 12.30
N MET B 139 -23.09 -24.99 12.52
CA MET B 139 -22.18 -24.54 13.58
C MET B 139 -21.76 -23.08 13.36
N MET B 140 -21.25 -22.76 12.16
CA MET B 140 -20.90 -21.37 11.83
C MET B 140 -22.10 -20.43 11.94
N GLN B 141 -23.27 -20.87 11.45
CA GLN B 141 -24.50 -20.06 11.52
C GLN B 141 -24.80 -19.63 12.96
N GLN B 142 -24.76 -20.58 13.90
CA GLN B 142 -24.99 -20.30 15.33
C GLN B 142 -23.99 -19.28 15.87
N LEU B 143 -22.70 -19.51 15.59
CA LEU B 143 -21.62 -18.62 16.03
C LEU B 143 -21.69 -17.22 15.41
N LEU B 144 -22.22 -17.15 14.19
CA LEU B 144 -22.38 -15.85 13.50
C LEU B 144 -23.65 -15.10 13.92
N THR B 145 -24.61 -15.80 14.52
CA THR B 145 -25.86 -15.17 14.96
C THR B 145 -25.71 -14.54 16.34
N ALA C 1 -15.48 -17.46 3.47
CA ALA C 1 -15.99 -16.05 3.46
C ALA C 1 -15.24 -15.18 2.46
N ARG C 2 -15.82 -14.05 2.09
CA ARG C 2 -15.20 -13.10 1.16
C ARG C 2 -15.33 -11.69 1.72
N THR C 3 -14.57 -10.75 1.15
CA THR C 3 -14.76 -9.34 1.49
C THR C 3 -15.68 -8.67 0.50
N LYS C 4 -16.34 -7.61 0.96
CA LYS C 4 -17.12 -6.74 0.09
C LYS C 4 -16.21 -5.77 -0.67
N GLN C 5 -15.18 -5.25 0.01
CA GLN C 5 -14.37 -4.13 -0.51
C GLN C 5 -12.90 -4.43 -0.88
N THR C 6 -12.34 -5.52 -0.36
CA THR C 6 -10.99 -5.92 -0.77
C THR C 6 -11.06 -6.58 -2.15
N ALA C 7 -10.22 -6.11 -3.07
CA ALA C 7 -10.00 -6.83 -4.32
C ALA C 7 -8.53 -6.72 -4.65
N ARG C 8 -7.81 -7.82 -4.44
CA ARG C 8 -6.37 -7.90 -4.72
C ARG C 8 -6.15 -8.97 -5.79
OH ALY C 9 -8.42 -4.35 -12.47
CH ALY C 9 -7.91 -5.17 -13.21
CH3 ALY C 9 -8.15 -5.20 -14.70
NZ ALY C 9 -7.09 -6.11 -12.77
CE ALY C 9 -6.79 -6.22 -11.36
CD ALY C 9 -5.97 -7.48 -11.08
CG ALY C 9 -5.97 -7.79 -9.59
CB ALY C 9 -4.90 -8.83 -9.25
CA ALY C 9 -5.35 -9.57 -7.99
N ALY C 9 -5.47 -8.63 -6.87
C ALY C 9 -4.41 -10.68 -7.64
O ALY C 9 -3.38 -10.45 -7.00
N SER C 10 -4.79 -11.90 -8.01
CA SER C 10 -4.00 -13.09 -7.70
C SER C 10 -2.75 -13.15 -8.59
N THR C 11 -1.65 -13.59 -7.97
CA THR C 11 -0.35 -13.71 -8.64
C THR C 11 0.20 -15.13 -8.50
N ALA D 1 22.71 3.71 -11.16
CA ALA D 1 22.18 4.51 -10.03
C ALA D 1 21.58 3.59 -8.99
N ARG D 2 21.44 4.09 -7.78
CA ARG D 2 20.84 3.35 -6.65
C ARG D 2 19.73 4.20 -6.05
N THR D 3 18.87 3.59 -5.24
CA THR D 3 17.86 4.38 -4.52
C THR D 3 18.16 4.49 -3.03
N LYS D 4 17.64 5.55 -2.43
CA LYS D 4 17.70 5.75 -0.98
C LYS D 4 16.95 4.62 -0.26
N GLN D 5 15.71 4.37 -0.71
CA GLN D 5 14.83 3.45 0.00
C GLN D 5 15.01 2.02 -0.44
N THR D 6 14.74 1.08 0.48
CA THR D 6 14.65 -0.32 0.12
C THR D 6 13.44 -0.55 -0.81
N ALA D 7 13.34 -1.75 -1.37
CA ALA D 7 12.27 -2.07 -2.34
C ALA D 7 10.84 -1.84 -1.83
N ARG D 8 10.53 -2.40 -0.65
CA ARG D 8 9.15 -2.50 -0.19
C ARG D 8 8.95 -2.04 1.26
OH ALY D 9 10.78 -0.92 10.63
CH ALY D 9 11.21 -1.99 10.25
CH3 ALY D 9 11.86 -2.97 11.18
NZ ALY D 9 11.10 -2.38 8.98
CE ALY D 9 10.50 -1.48 7.98
CD ALY D 9 10.62 -2.04 6.58
CG ALY D 9 10.20 -1.00 5.53
CB ALY D 9 10.39 -1.57 4.12
CA ALY D 9 9.76 -0.64 3.08
N ALY D 9 9.89 -1.24 1.76
C ALY D 9 10.44 0.70 3.05
O ALY D 9 11.61 0.79 2.65
N SER D 10 9.74 1.74 3.48
CA SER D 10 10.20 3.10 3.28
C SER D 10 10.14 3.98 4.51
N THR D 11 11.12 4.86 4.67
CA THR D 11 11.01 5.95 5.64
C THR D 11 10.27 7.14 4.99
C1 GOL E . -14.47 1.34 -2.05
O1 GOL E . -15.87 1.12 -2.33
C2 GOL E . -14.15 2.83 -2.17
O2 GOL E . -12.99 3.13 -1.39
C3 GOL E . -13.91 3.16 -3.64
O3 GOL E . -12.81 4.07 -3.80
C1 GOL F . 4.46 -0.84 0.14
O1 GOL F . 3.78 -1.71 -0.77
C2 GOL F . 5.90 -0.62 -0.29
O2 GOL F . 5.98 -0.47 -1.71
C3 GOL F . 6.44 0.63 0.41
O3 GOL F . 7.73 0.95 -0.12
S SO4 G . 5.22 8.47 -24.67
O1 SO4 G . 5.19 9.11 -26.01
O2 SO4 G . 3.84 8.07 -24.30
O3 SO4 G . 6.09 7.30 -24.71
O4 SO4 G . 5.71 9.44 -23.67
S SO4 H . 13.47 6.82 -26.67
O1 SO4 H . 13.08 6.18 -27.95
O2 SO4 H . 13.12 5.93 -25.54
O3 SO4 H . 12.77 8.10 -26.53
O4 SO4 H . 14.94 7.06 -26.66
C1 GOL I . 6.53 -19.71 16.57
O1 GOL I . 6.77 -18.69 17.54
C2 GOL I . 6.87 -19.11 15.21
O2 GOL I . 5.80 -18.23 14.82
C3 GOL I . 7.03 -20.22 14.19
O3 GOL I . 7.20 -19.66 12.87
C1 GOL J . 13.90 -5.24 14.71
O1 GOL J . 14.50 -4.46 13.67
C2 GOL J . 13.14 -6.44 14.13
O2 GOL J . 13.99 -7.19 13.25
C3 GOL J . 12.72 -7.36 15.26
O3 GOL J . 11.71 -8.24 14.78
OH2 1PE K . -6.12 -23.36 13.91
C12 1PE K . -6.70 -24.22 12.91
C22 1PE K . -6.43 -23.67 11.51
OH3 1PE K . -5.03 -23.56 11.31
C13 1PE K . -3.91 -22.07 9.75
C23 1PE K . -4.62 -23.41 9.94
OH4 1PE K . -2.49 -22.15 9.69
C14 1PE K . -1.13 -21.41 11.52
C24 1PE K . -1.84 -20.99 10.24
OH5 1PE K . -0.47 -20.34 12.20
C15 1PE K . -1.27 -20.52 14.47
C25 1PE K . -0.10 -20.75 13.52
OH6 1PE K . -1.14 -21.25 15.69
C16 1PE K . -3.42 -21.78 16.43
C26 1PE K . -2.18 -20.91 16.62
OH7 1PE K . -3.69 -22.56 17.60
S SO4 L . -2.50 10.40 3.68
O1 SO4 L . -3.15 9.10 3.46
O2 SO4 L . -2.97 11.37 2.67
O3 SO4 L . -1.03 10.26 3.58
O4 SO4 L . -2.86 10.89 5.02
S SO4 M . -3.36 11.63 20.91
O1 SO4 M . -3.31 10.88 19.64
O2 SO4 M . -4.70 11.48 21.51
O3 SO4 M . -3.09 13.07 20.64
O4 SO4 M . -2.32 11.11 21.83
S SO4 N . 6.84 12.03 11.61
O1 SO4 N . 7.19 10.71 12.16
O2 SO4 N . 5.37 12.21 11.58
O3 SO4 N . 7.36 12.14 10.23
O4 SO4 N . 7.47 13.08 12.46
S SO4 O . -2.44 -15.08 21.55
O1 SO4 O . -2.18 -16.16 20.58
O2 SO4 O . -3.80 -14.55 21.39
O3 SO4 O . -2.28 -15.63 22.92
O4 SO4 O . -1.47 -13.99 21.36
C1 GOL P . -16.00 -18.49 0.17
O1 GOL P . -16.85 -17.56 -0.51
C2 GOL P . -16.85 -19.48 0.95
O2 GOL P . -18.07 -19.76 0.26
C3 GOL P . -16.09 -20.78 1.15
O3 GOL P . -15.98 -21.02 2.56
C1 GOL Q . 19.04 0.06 -6.03
O1 GOL Q . 19.36 0.81 -4.85
C2 GOL Q . 17.55 -0.25 -6.19
O2 GOL Q . 16.79 0.03 -5.01
C3 GOL Q . 16.97 0.56 -7.34
O3 GOL Q . 16.94 -0.28 -8.49
S SO4 R . 25.54 2.17 -9.22
O1 SO4 R . 24.46 1.81 -10.15
O2 SO4 R . 25.82 1.06 -8.30
O3 SO4 R . 26.76 2.49 -10.00
O4 SO4 R . 25.13 3.37 -8.46
#